data_2CIW
#
_entry.id   2CIW
#
_cell.length_a   57.650
_cell.length_b   151.400
_cell.length_c   100.740
_cell.angle_alpha   90.00
_cell.angle_beta   90.00
_cell.angle_gamma   90.00
#
_symmetry.space_group_name_H-M   'C 2 2 21'
#
loop_
_entity.id
_entity.type
_entity.pdbx_description
1 polymer CHLOROPEROXIDASE
2 branched beta-D-mannopyranose-(1-4)-2-acetamido-2-deoxy-beta-D-glucopyranose-(1-4)-2-acetamido-2-deoxy-beta-D-glucopyranose
3 branched alpha-D-mannopyranose-(1-2)-alpha-D-mannopyranose
4 non-polymer 'MANGANESE (II) ION'
5 non-polymer 'PROTOPORPHYRIN IX CONTAINING FE'
6 non-polymer 2-acetamido-2-deoxy-beta-D-glucopyranose
7 non-polymer alpha-D-mannopyranose
8 non-polymer 'IODIDE ION'
9 water water
#
_entity_poly.entity_id   1
_entity_poly.type   'polypeptide(L)'
_entity_poly.pdbx_seq_one_letter_code
;(PCA)EPGSGIGYPYDNNTLPYVAPGPTDSRAPCPALNALANHGYIPHDGRAISRETLQNAFLNHMGIANSVIELALTNA
FVVCEYVTGSDCGDSLVNLTLLAEPHAFEHDHSFSRKDYKQGVANSNDFIDNRNFDAETFQTSLDVVAGKTHFDYADMNE
IRLQRESLSNELDFPGWFTESKPIQNVESGFIFALVSDFNLPDNDENPLVRIDWWKYWFTNESFPYHLGWHPPSPAREIE
FVTSASSAVLAASVTSTPSSLPSGAIGPGAEAVPLSFASTMTPFLLATNAPYYAQDPTLGPND
;
_entity_poly.pdbx_strand_id   A
#
# COMPACT_ATOMS: atom_id res chain seq x y z
N GLU A 2 -9.17 -3.35 -21.53
N GLU A 2 -9.16 -3.37 -21.54
CA GLU A 2 -10.42 -3.40 -22.27
CA GLU A 2 -10.40 -3.42 -22.32
C GLU A 2 -10.98 -4.82 -22.16
C GLU A 2 -10.97 -4.83 -22.21
N PRO A 3 -12.29 -4.95 -21.97
CA PRO A 3 -12.85 -6.29 -21.75
C PRO A 3 -12.58 -7.29 -22.86
N GLY A 4 -12.60 -6.85 -24.10
CA GLY A 4 -12.36 -7.74 -25.24
C GLY A 4 -10.90 -8.12 -25.45
N SER A 5 -9.99 -7.48 -24.72
CA SER A 5 -8.58 -7.76 -24.92
C SER A 5 -8.16 -9.14 -24.50
N GLY A 6 -8.88 -9.73 -23.55
CA GLY A 6 -8.51 -11.00 -22.97
C GLY A 6 -7.25 -10.99 -22.13
N ILE A 7 -6.69 -9.82 -21.87
CA ILE A 7 -5.44 -9.76 -21.11
C ILE A 7 -5.54 -10.45 -19.74
N GLY A 8 -6.69 -10.36 -19.09
CA GLY A 8 -6.85 -11.04 -17.78
C GLY A 8 -7.16 -12.54 -17.82
N TYR A 9 -7.51 -13.06 -18.99
CA TYR A 9 -8.04 -14.42 -19.09
C TYR A 9 -6.96 -15.45 -18.83
N PRO A 10 -7.30 -16.57 -18.17
CA PRO A 10 -8.58 -16.98 -17.58
C PRO A 10 -8.71 -16.67 -16.09
N TYR A 11 -7.89 -15.74 -15.58
CA TYR A 11 -7.88 -15.41 -14.16
C TYR A 11 -8.89 -14.32 -13.81
N ASP A 12 -9.04 -13.35 -14.72
CA ASP A 12 -10.02 -12.28 -14.60
C ASP A 12 -10.70 -12.20 -15.96
N ASN A 13 -11.94 -12.65 -16.01
CA ASN A 13 -12.71 -12.70 -17.23
C ASN A 13 -13.61 -11.49 -17.47
N ASN A 14 -13.49 -10.46 -16.64
N ASN A 14 -13.42 -10.43 -16.69
CA ASN A 14 -14.31 -9.26 -16.76
CA ASN A 14 -14.29 -9.28 -16.70
C ASN A 14 -13.51 -8.00 -16.40
C ASN A 14 -13.51 -8.00 -16.39
N THR A 15 -12.51 -7.70 -17.20
CA THR A 15 -11.66 -6.56 -16.94
C THR A 15 -12.28 -5.26 -17.46
N LEU A 16 -11.77 -4.16 -16.91
CA LEU A 16 -12.11 -2.81 -17.34
C LEU A 16 -10.80 -2.04 -17.57
N PRO A 17 -10.83 -1.07 -18.48
CA PRO A 17 -9.60 -0.34 -18.81
C PRO A 17 -9.08 0.59 -17.72
N TYR A 18 -7.78 0.84 -17.76
CA TYR A 18 -7.17 1.89 -16.98
C TYR A 18 -7.65 3.25 -17.48
N VAL A 19 -8.03 4.12 -16.55
CA VAL A 19 -8.33 5.52 -16.82
C VAL A 19 -7.63 6.35 -15.75
N ALA A 20 -6.81 7.31 -16.17
CA ALA A 20 -6.06 8.09 -15.20
C ALA A 20 -7.02 8.90 -14.31
N PRO A 21 -6.67 9.10 -13.04
CA PRO A 21 -7.47 9.99 -12.22
C PRO A 21 -7.34 11.46 -12.66
N GLY A 22 -8.46 12.18 -12.65
CA GLY A 22 -8.51 13.61 -12.96
C GLY A 22 -8.32 14.41 -11.68
N PRO A 23 -8.13 15.74 -11.83
N PRO A 23 -8.19 15.75 -11.82
CA PRO A 23 -7.84 16.62 -10.70
CA PRO A 23 -7.79 16.54 -10.67
C PRO A 23 -8.82 16.55 -9.55
C PRO A 23 -8.84 16.61 -9.55
N THR A 24 -10.10 16.30 -9.85
CA THR A 24 -11.15 16.23 -8.82
C THR A 24 -11.42 14.85 -8.26
N ASP A 25 -10.75 13.82 -8.80
CA ASP A 25 -10.92 12.46 -8.28
C ASP A 25 -10.17 12.31 -6.96
N SER A 26 -10.70 11.46 -6.08
CA SER A 26 -10.07 11.14 -4.81
C SER A 26 -9.23 9.87 -4.92
N ARG A 27 -7.97 9.94 -4.46
CA ARG A 27 -7.12 8.78 -4.40
C ARG A 27 -6.53 8.63 -2.99
N ALA A 28 -6.01 7.42 -2.76
CA ALA A 28 -5.56 6.97 -1.46
C ALA A 28 -4.02 7.02 -1.33
N PRO A 29 -3.51 6.75 -0.12
CA PRO A 29 -2.09 6.44 0.06
C PRO A 29 -1.74 4.99 -0.25
N CYS A 30 -2.71 4.24 -0.78
CA CYS A 30 -2.63 2.80 -0.99
C CYS A 30 -2.53 2.50 -2.48
N PRO A 31 -1.45 1.84 -2.92
CA PRO A 31 -1.32 1.50 -4.34
C PRO A 31 -2.36 0.50 -4.85
N ALA A 32 -2.89 -0.33 -3.96
CA ALA A 32 -3.92 -1.29 -4.35
C ALA A 32 -5.26 -0.60 -4.59
N LEU A 33 -5.72 0.19 -3.63
CA LEU A 33 -6.95 0.94 -3.83
C LEU A 33 -6.87 1.84 -5.05
N ASN A 34 -5.72 2.46 -5.27
CA ASN A 34 -5.59 3.36 -6.40
C ASN A 34 -5.68 2.64 -7.73
N ALA A 35 -5.07 1.46 -7.83
CA ALA A 35 -5.20 0.65 -9.04
C ALA A 35 -6.64 0.23 -9.28
N LEU A 36 -7.33 -0.21 -8.21
CA LEU A 36 -8.74 -0.58 -8.34
C LEU A 36 -9.60 0.58 -8.82
N ALA A 37 -9.38 1.77 -8.26
CA ALA A 37 -10.16 2.94 -8.64
C ALA A 37 -9.84 3.35 -10.08
N ASN A 38 -8.57 3.28 -10.46
CA ASN A 38 -8.17 3.64 -11.84
C ASN A 38 -8.86 2.77 -12.89
N HIS A 39 -9.19 1.54 -12.51
CA HIS A 39 -9.92 0.62 -13.38
C HIS A 39 -11.43 0.65 -13.22
N GLY A 40 -11.93 1.42 -12.25
CA GLY A 40 -13.36 1.46 -11.99
C GLY A 40 -13.92 0.24 -11.29
N TYR A 41 -13.07 -0.59 -10.70
CA TYR A 41 -13.54 -1.73 -9.92
C TYR A 41 -14.09 -1.28 -8.57
N ILE A 42 -13.56 -0.17 -8.07
CA ILE A 42 -14.23 0.68 -7.10
C ILE A 42 -14.42 2.02 -7.83
N PRO A 43 -15.29 2.91 -7.34
CA PRO A 43 -15.60 4.11 -8.11
C PRO A 43 -14.38 4.87 -8.61
N HIS A 44 -14.40 5.26 -9.87
N HIS A 44 -14.39 5.23 -9.90
CA HIS A 44 -13.27 5.97 -10.42
CA HIS A 44 -13.31 6.01 -10.52
C HIS A 44 -13.03 7.32 -9.75
C HIS A 44 -13.04 7.30 -9.74
N ASP A 45 -14.09 7.93 -9.21
CA ASP A 45 -13.93 9.17 -8.46
C ASP A 45 -13.42 8.98 -7.03
N GLY A 46 -13.30 7.73 -6.58
CA GLY A 46 -12.79 7.46 -5.25
C GLY A 46 -13.69 7.86 -4.09
N ARG A 47 -15.02 7.91 -4.34
CA ARG A 47 -15.99 8.36 -3.34
C ARG A 47 -17.11 7.35 -3.12
N ALA A 48 -17.63 7.32 -1.89
CA ALA A 48 -18.89 6.62 -1.56
C ALA A 48 -18.80 5.12 -1.81
N ILE A 49 -17.89 4.47 -1.09
CA ILE A 49 -17.48 3.11 -1.39
C ILE A 49 -17.93 2.16 -0.30
N SER A 50 -18.68 1.13 -0.65
CA SER A 50 -19.15 0.15 0.34
C SER A 50 -18.15 -0.97 0.60
N ARG A 51 -18.34 -1.66 1.72
CA ARG A 51 -17.51 -2.80 2.04
C ARG A 51 -17.60 -3.88 0.97
N GLU A 52 -18.80 -4.21 0.51
CA GLU A 52 -18.92 -5.27 -0.49
C GLU A 52 -18.28 -4.86 -1.82
N THR A 53 -18.34 -3.59 -2.19
CA THR A 53 -17.67 -3.14 -3.40
C THR A 53 -16.16 -3.43 -3.30
N LEU A 54 -15.58 -3.11 -2.15
CA LEU A 54 -14.15 -3.37 -1.92
C LEU A 54 -13.86 -4.87 -1.92
N GLN A 55 -14.66 -5.65 -1.19
CA GLN A 55 -14.45 -7.09 -1.13
C GLN A 55 -14.46 -7.71 -2.53
N ASN A 56 -15.48 -7.40 -3.32
CA ASN A 56 -15.59 -7.97 -4.66
C ASN A 56 -14.46 -7.54 -5.57
N ALA A 57 -14.06 -6.27 -5.48
CA ALA A 57 -12.99 -5.77 -6.33
C ALA A 57 -11.67 -6.50 -6.05
N PHE A 58 -11.33 -6.62 -4.77
CA PHE A 58 -10.09 -7.33 -4.42
C PHE A 58 -10.14 -8.80 -4.83
N LEU A 59 -11.26 -9.46 -4.59
CA LEU A 59 -11.37 -10.88 -4.84
C LEU A 59 -11.33 -11.17 -6.34
N ASN A 60 -12.15 -10.45 -7.10
CA ASN A 60 -12.34 -10.79 -8.51
C ASN A 60 -11.29 -10.21 -9.42
N HIS A 61 -10.62 -9.15 -9.01
CA HIS A 61 -9.67 -8.47 -9.92
C HIS A 61 -8.22 -8.49 -9.44
N MET A 62 -7.99 -8.84 -8.17
CA MET A 62 -6.63 -8.91 -7.64
C MET A 62 -6.26 -10.23 -6.99
N GLY A 63 -7.16 -11.21 -6.91
CA GLY A 63 -6.82 -12.47 -6.27
C GLY A 63 -6.53 -12.35 -4.80
N ILE A 64 -7.26 -11.46 -4.14
CA ILE A 64 -7.12 -11.19 -2.71
C ILE A 64 -8.45 -11.49 -2.02
N ALA A 65 -8.46 -12.51 -1.17
CA ALA A 65 -9.70 -12.98 -0.53
C ALA A 65 -10.19 -12.01 0.54
N ASN A 66 -11.46 -12.16 0.91
CA ASN A 66 -12.07 -11.26 1.88
C ASN A 66 -11.32 -11.24 3.21
N SER A 67 -10.78 -12.39 3.62
CA SER A 67 -10.09 -12.44 4.91
C SER A 67 -8.92 -11.47 4.99
N VAL A 68 -8.26 -11.23 3.85
CA VAL A 68 -7.08 -10.38 3.81
C VAL A 68 -7.38 -8.93 4.16
N ILE A 69 -8.60 -8.46 3.87
CA ILE A 69 -8.95 -7.07 4.07
C ILE A 69 -9.93 -6.85 5.23
N GLU A 70 -10.21 -7.86 6.03
CA GLU A 70 -11.19 -7.69 7.11
C GLU A 70 -10.81 -6.55 8.07
N LEU A 71 -9.60 -6.60 8.58
CA LEU A 71 -9.14 -5.56 9.52
C LEU A 71 -8.98 -4.22 8.81
N ALA A 72 -8.46 -4.24 7.58
CA ALA A 72 -8.33 -3.01 6.81
C ALA A 72 -9.67 -2.31 6.63
N LEU A 73 -10.74 -3.07 6.37
CA LEU A 73 -12.07 -2.48 6.27
C LEU A 73 -12.50 -1.84 7.59
N THR A 74 -12.34 -2.56 8.70
CA THR A 74 -12.67 -2.00 10.01
C THR A 74 -11.94 -0.68 10.20
N ASN A 75 -10.64 -0.68 9.92
CA ASN A 75 -9.83 0.50 10.17
C ASN A 75 -10.12 1.65 9.22
N ALA A 76 -10.45 1.35 7.96
CA ALA A 76 -10.87 2.41 7.04
C ALA A 76 -12.07 3.17 7.59
N PHE A 77 -13.05 2.43 8.10
CA PHE A 77 -14.27 3.05 8.57
C PHE A 77 -14.07 3.78 9.90
N VAL A 78 -13.19 3.29 10.76
CA VAL A 78 -12.80 4.02 11.97
C VAL A 78 -12.18 5.36 11.59
N VAL A 79 -11.27 5.34 10.63
CA VAL A 79 -10.62 6.56 10.23
C VAL A 79 -11.60 7.52 9.57
N CYS A 80 -12.52 7.00 8.78
CA CYS A 80 -13.55 7.86 8.18
C CYS A 80 -14.37 8.61 9.24
N GLU A 81 -14.76 7.90 10.29
CA GLU A 81 -15.51 8.55 11.38
C GLU A 81 -14.66 9.60 12.10
N TYR A 82 -13.40 9.29 12.38
CA TYR A 82 -12.46 10.22 13.02
C TYR A 82 -12.26 11.49 12.18
N VAL A 83 -12.03 11.32 10.87
CA VAL A 83 -11.77 12.46 10.02
C VAL A 83 -13.01 13.34 9.82
N THR A 84 -14.15 12.70 9.61
CA THR A 84 -15.37 13.44 9.23
C THR A 84 -16.20 13.89 10.43
N GLY A 85 -16.01 13.24 11.57
CA GLY A 85 -16.76 13.53 12.79
C GLY A 85 -18.12 12.88 12.87
N SER A 86 -18.45 12.00 11.93
CA SER A 86 -19.69 11.20 12.02
C SER A 86 -19.49 9.80 11.47
N ASP A 87 -20.29 8.87 11.98
CA ASP A 87 -20.30 7.49 11.49
C ASP A 87 -20.60 7.50 9.98
N CYS A 88 -19.78 6.79 9.21
CA CYS A 88 -19.91 6.76 7.75
C CYS A 88 -20.72 5.54 7.28
N GLY A 89 -21.32 4.78 8.21
CA GLY A 89 -22.16 3.65 7.84
C GLY A 89 -21.43 2.67 6.94
N ASP A 90 -21.98 2.41 5.74
CA ASP A 90 -21.34 1.51 4.78
C ASP A 90 -21.07 2.27 3.47
N SER A 91 -20.69 3.53 3.59
CA SER A 91 -20.31 4.33 2.43
C SER A 91 -19.07 5.15 2.80
N LEU A 92 -17.89 4.61 2.52
CA LEU A 92 -16.66 5.29 2.83
C LEU A 92 -16.65 6.61 2.06
N VAL A 93 -16.47 7.73 2.75
CA VAL A 93 -16.73 9.03 2.13
C VAL A 93 -15.82 9.25 0.91
N ASN A 94 -14.51 9.03 1.12
CA ASN A 94 -13.56 9.06 0.01
C ASN A 94 -12.30 8.28 0.37
N LEU A 95 -11.41 8.15 -0.62
CA LEU A 95 -10.13 7.46 -0.43
C LEU A 95 -9.07 8.37 0.20
N THR A 96 -9.18 9.67 -0.01
CA THR A 96 -8.15 10.62 0.41
C THR A 96 -8.01 10.67 1.92
N LEU A 97 -9.12 10.55 2.62
CA LEU A 97 -9.11 10.60 4.08
C LEU A 97 -8.30 9.47 4.69
N LEU A 98 -8.02 8.42 3.93
CA LEU A 98 -7.19 7.34 4.43
C LEU A 98 -5.72 7.78 4.65
N ALA A 99 -5.35 8.94 4.11
CA ALA A 99 -4.02 9.52 4.38
C ALA A 99 -3.97 10.37 5.65
N GLU A 100 -4.98 10.31 6.50
CA GLU A 100 -4.93 10.94 7.82
C GLU A 100 -3.70 10.37 8.55
N PRO A 101 -2.77 11.25 8.99
CA PRO A 101 -1.52 10.70 9.55
C PRO A 101 -1.64 10.17 10.96
N HIS A 102 -0.65 9.35 11.33
CA HIS A 102 -0.60 8.68 12.65
C HIS A 102 -1.92 7.98 12.96
N ALA A 103 -2.43 7.27 11.95
CA ALA A 103 -3.71 6.61 12.05
C ALA A 103 -3.57 5.28 11.31
N PHE A 104 -4.21 5.10 10.16
CA PHE A 104 -3.95 3.93 9.30
C PHE A 104 -2.69 4.23 8.47
N GLU A 105 -2.68 5.39 7.83
CA GLU A 105 -1.44 5.94 7.26
C GLU A 105 -0.42 6.10 8.37
N HIS A 106 0.82 5.78 8.06
CA HIS A 106 1.90 5.71 9.04
C HIS A 106 3.21 6.20 8.40
N ASP A 107 4.16 6.44 9.30
CA ASP A 107 5.48 6.89 8.92
C ASP A 107 6.28 5.72 8.27
N HIS A 108 7.43 6.07 7.72
CA HIS A 108 8.36 5.15 7.07
C HIS A 108 7.71 4.22 6.05
N SER A 109 6.87 4.80 5.20
CA SER A 109 6.29 4.07 4.06
C SER A 109 7.38 3.70 3.05
N PHE A 110 7.09 2.71 2.21
CA PHE A 110 8.00 2.30 1.14
C PHE A 110 8.10 3.32 0.00
N SER A 111 7.02 4.05 -0.27
CA SER A 111 6.90 4.81 -1.49
C SER A 111 6.28 6.19 -1.36
N ARG A 112 6.00 6.63 -0.13
CA ARG A 112 5.43 7.93 0.18
C ARG A 112 6.35 8.62 1.18
N LYS A 113 6.41 9.94 1.10
CA LYS A 113 7.08 10.73 2.14
C LYS A 113 6.21 10.76 3.40
N ASP A 114 6.82 11.09 4.54
CA ASP A 114 6.08 11.29 5.77
C ASP A 114 5.47 12.69 5.86
N TYR A 115 4.39 12.78 6.63
CA TYR A 115 3.62 14.02 6.76
C TYR A 115 4.47 15.23 7.16
N LYS A 116 5.45 15.01 8.03
CA LYS A 116 6.39 16.09 8.40
C LYS A 116 7.83 15.78 8.01
N GLN A 117 8.01 15.09 6.90
CA GLN A 117 9.35 14.81 6.39
C GLN A 117 9.99 16.06 5.83
N GLY A 118 11.16 16.42 6.39
CA GLY A 118 11.99 17.49 5.85
C GLY A 118 11.42 18.88 6.01
N VAL A 119 10.42 19.06 6.84
CA VAL A 119 9.79 20.36 6.96
C VAL A 119 10.68 21.23 7.84
N ALA A 120 10.86 22.46 7.41
CA ALA A 120 11.69 23.42 8.15
C ALA A 120 11.01 23.87 9.44
N ASN A 121 9.67 23.91 9.44
CA ASN A 121 8.88 24.38 10.57
C ASN A 121 7.85 23.38 11.07
N SER A 122 7.54 23.45 12.36
CA SER A 122 6.78 22.41 13.06
C SER A 122 5.32 22.22 12.65
N ASN A 123 4.62 23.30 12.31
CA ASN A 123 3.19 23.24 11.96
C ASN A 123 2.98 22.85 10.51
N ASP A 124 4.08 22.76 9.75
CA ASP A 124 4.01 22.49 8.34
C ASP A 124 3.82 20.99 8.08
N PHE A 125 3.27 20.69 6.92
CA PHE A 125 3.11 19.30 6.50
C PHE A 125 3.17 19.22 4.99
N ILE A 126 3.41 18.01 4.50
CA ILE A 126 3.57 17.78 3.09
C ILE A 126 2.73 16.59 2.64
N ASP A 127 2.76 16.32 1.34
CA ASP A 127 2.00 15.23 0.73
C ASP A 127 2.58 13.87 1.16
N ASN A 128 1.86 13.22 2.08
CA ASN A 128 2.15 11.88 2.55
C ASN A 128 1.27 10.80 1.89
N ARG A 129 0.67 11.17 0.75
CA ARG A 129 -0.38 10.34 0.15
C ARG A 129 -0.01 9.85 -1.25
N ASN A 130 0.45 10.75 -2.12
CA ASN A 130 0.78 10.35 -3.47
C ASN A 130 2.10 9.62 -3.57
N PHE A 131 2.16 8.71 -4.55
CA PHE A 131 3.41 8.02 -4.87
C PHE A 131 4.53 9.02 -5.10
N ASP A 132 5.68 8.74 -4.49
CA ASP A 132 6.86 9.59 -4.57
C ASP A 132 8.02 8.75 -5.13
N ALA A 133 8.44 9.04 -6.34
CA ALA A 133 9.46 8.24 -7.01
C ALA A 133 10.78 8.18 -6.23
N GLU A 134 11.22 9.30 -5.66
CA GLU A 134 12.47 9.30 -4.92
C GLU A 134 12.40 8.42 -3.69
N THR A 135 11.28 8.46 -2.97
CA THR A 135 11.15 7.63 -1.79
C THR A 135 11.18 6.17 -2.20
N PHE A 136 10.41 5.82 -3.23
CA PHE A 136 10.36 4.45 -3.65
C PHE A 136 11.72 3.96 -4.12
N GLN A 137 12.50 4.82 -4.77
CA GLN A 137 13.85 4.44 -5.17
C GLN A 137 14.75 4.08 -3.98
N THR A 138 14.53 4.69 -2.80
CA THR A 138 15.29 4.28 -1.59
C THR A 138 14.95 2.86 -1.17
N SER A 139 13.72 2.43 -1.39
CA SER A 139 13.36 1.04 -1.16
C SER A 139 13.99 0.12 -2.19
N LEU A 140 13.84 0.46 -3.46
CA LEU A 140 14.35 -0.35 -4.56
C LEU A 140 15.86 -0.49 -4.53
N ASP A 141 16.56 0.55 -4.09
CA ASP A 141 18.00 0.48 -4.14
C ASP A 141 18.60 -0.49 -3.12
N VAL A 142 17.84 -0.82 -2.07
CA VAL A 142 18.29 -1.87 -1.15
C VAL A 142 18.46 -3.21 -1.87
N VAL A 143 17.67 -3.41 -2.92
CA VAL A 143 17.71 -4.63 -3.74
C VAL A 143 18.17 -4.32 -5.17
N ALA A 144 19.05 -3.35 -5.32
CA ALA A 144 19.58 -2.95 -6.64
C ALA A 144 20.28 -4.09 -7.36
N GLY A 145 20.11 -4.13 -8.68
CA GLY A 145 20.76 -5.13 -9.54
C GLY A 145 20.18 -6.54 -9.45
N LYS A 146 19.03 -6.68 -8.79
CA LYS A 146 18.39 -7.99 -8.53
C LYS A 146 17.06 -8.06 -9.25
N THR A 147 16.62 -9.27 -9.58
CA THR A 147 15.27 -9.46 -10.13
C THR A 147 14.23 -9.90 -9.10
N HIS A 148 14.65 -10.51 -8.01
CA HIS A 148 13.78 -11.02 -6.95
C HIS A 148 14.35 -10.71 -5.60
N PHE A 149 13.51 -10.75 -4.56
CA PHE A 149 14.00 -10.68 -3.18
C PHE A 149 13.16 -11.47 -2.20
N ASP A 150 13.75 -11.81 -1.06
CA ASP A 150 13.17 -12.67 -0.05
C ASP A 150 12.82 -11.92 1.25
N TYR A 151 12.36 -12.66 2.24
CA TYR A 151 11.93 -12.07 3.50
C TYR A 151 13.04 -11.24 4.18
N ALA A 152 14.25 -11.78 4.18
CA ALA A 152 15.37 -11.09 4.82
C ALA A 152 15.63 -9.76 4.12
N ASP A 153 15.55 -9.75 2.80
CA ASP A 153 15.72 -8.53 2.04
C ASP A 153 14.61 -7.51 2.37
N MET A 154 13.37 -7.98 2.47
CA MET A 154 12.28 -7.07 2.82
C MET A 154 12.52 -6.44 4.19
N ASN A 155 13.05 -7.22 5.14
CA ASN A 155 13.34 -6.70 6.46
C ASN A 155 14.37 -5.57 6.38
N GLU A 156 15.35 -5.76 5.52
CA GLU A 156 16.36 -4.72 5.29
C GLU A 156 15.76 -3.46 4.65
N ILE A 157 14.81 -3.64 3.73
CA ILE A 157 14.16 -2.51 3.11
C ILE A 157 13.39 -1.70 4.17
N ARG A 158 12.57 -2.36 4.98
CA ARG A 158 11.78 -1.59 5.94
C ARG A 158 12.70 -0.93 6.98
N LEU A 159 13.82 -1.57 7.33
CA LEU A 159 14.78 -0.95 8.27
C LEU A 159 15.41 0.31 7.66
N GLN A 160 15.77 0.25 6.38
CA GLN A 160 16.30 1.42 5.68
C GLN A 160 15.28 2.56 5.70
N ARG A 161 14.00 2.25 5.44
CA ARG A 161 12.97 3.28 5.44
C ARG A 161 12.75 3.87 6.84
N GLU A 162 12.77 3.03 7.87
CA GLU A 162 12.65 3.54 9.24
C GLU A 162 13.80 4.48 9.60
N SER A 163 15.02 4.10 9.21
N SER A 163 15.02 4.13 9.20
CA SER A 163 16.23 4.92 9.46
CA SER A 163 16.17 4.95 9.56
C SER A 163 16.11 6.29 8.82
C SER A 163 16.20 6.29 8.79
N LEU A 164 15.85 6.29 7.51
CA LEU A 164 15.73 7.54 6.75
C LEU A 164 14.66 8.43 7.32
N SER A 165 13.50 7.85 7.64
CA SER A 165 12.40 8.63 8.15
C SER A 165 12.69 9.23 9.52
N ASN A 166 13.34 8.44 10.37
CA ASN A 166 13.69 8.92 11.71
C ASN A 166 14.70 10.07 11.61
N GLU A 167 15.57 10.03 10.62
CA GLU A 167 16.56 11.09 10.42
C GLU A 167 15.97 12.34 9.77
N LEU A 168 15.03 12.16 8.86
CA LEU A 168 14.55 13.26 8.04
C LEU A 168 13.28 13.95 8.55
N ASP A 169 12.50 13.27 9.39
CA ASP A 169 11.25 13.86 9.85
C ASP A 169 11.52 14.95 10.89
N PHE A 170 10.63 15.94 10.92
CA PHE A 170 10.71 17.00 11.93
C PHE A 170 10.81 16.36 13.31
N PRO A 171 11.74 16.84 14.15
CA PRO A 171 11.93 16.22 15.46
C PRO A 171 10.65 16.05 16.25
N GLY A 172 10.43 14.83 16.75
CA GLY A 172 9.23 14.51 17.51
C GLY A 172 8.11 13.89 16.70
N TRP A 173 8.13 14.05 15.38
CA TRP A 173 7.05 13.51 14.53
C TRP A 173 7.13 11.98 14.38
N PHE A 174 8.31 11.49 14.04
CA PHE A 174 8.48 10.10 13.66
C PHE A 174 7.89 9.16 14.70
N THR A 175 7.05 8.24 14.24
CA THR A 175 6.44 7.24 15.09
C THR A 175 6.50 5.89 14.37
N GLU A 176 7.17 4.93 14.97
CA GLU A 176 7.32 3.63 14.32
C GLU A 176 5.99 2.89 14.27
N SER A 177 5.77 2.18 13.16
N SER A 177 5.72 2.23 13.14
CA SER A 177 4.53 1.48 12.89
CA SER A 177 4.50 1.44 12.95
C SER A 177 4.80 0.09 12.30
C SER A 177 4.84 0.11 12.29
N LYS A 178 5.56 -0.75 13.02
CA LYS A 178 5.86 -2.07 12.51
C LYS A 178 4.63 -2.94 12.21
N PRO A 179 3.63 -2.93 13.11
CA PRO A 179 2.49 -3.83 12.84
C PRO A 179 1.75 -3.55 11.53
N ILE A 180 1.43 -2.29 11.26
CA ILE A 180 0.70 -1.99 10.01
C ILE A 180 1.63 -2.13 8.81
N GLN A 181 2.84 -1.59 8.88
CA GLN A 181 3.73 -1.71 7.74
C GLN A 181 3.96 -3.15 7.36
N ASN A 182 4.14 -4.05 8.32
CA ASN A 182 4.51 -5.40 7.95
C ASN A 182 3.34 -6.31 7.56
N VAL A 183 2.11 -5.90 7.89
CA VAL A 183 0.97 -6.43 7.13
C VAL A 183 1.12 -6.05 5.65
N GLU A 184 1.46 -4.78 5.38
CA GLU A 184 1.68 -4.35 4.00
C GLU A 184 2.87 -5.07 3.35
N SER A 185 3.93 -5.37 4.10
CA SER A 185 4.98 -6.24 3.55
C SER A 185 4.40 -7.58 3.09
N GLY A 186 3.56 -8.16 3.94
CA GLY A 186 2.87 -9.39 3.59
C GLY A 186 1.98 -9.25 2.37
N PHE A 187 1.30 -8.10 2.26
CA PHE A 187 0.49 -7.79 1.05
C PHE A 187 1.35 -7.81 -0.22
N ILE A 188 2.57 -7.26 -0.15
CA ILE A 188 3.46 -7.23 -1.32
C ILE A 188 3.81 -8.67 -1.72
N PHE A 189 4.21 -9.50 -0.75
CA PHE A 189 4.47 -10.91 -1.06
C PHE A 189 3.22 -11.60 -1.61
N ALA A 190 2.05 -11.27 -1.08
CA ALA A 190 0.81 -11.92 -1.55
C ALA A 190 0.52 -11.57 -3.01
N LEU A 191 0.73 -10.30 -3.39
CA LEU A 191 0.31 -9.88 -4.72
C LEU A 191 1.34 -10.15 -5.80
N VAL A 192 2.61 -9.84 -5.52
CA VAL A 192 3.64 -9.81 -6.56
C VAL A 192 4.83 -10.72 -6.26
N SER A 193 4.66 -11.73 -5.41
CA SER A 193 5.64 -12.83 -5.39
C SER A 193 5.49 -13.70 -6.62
N ASP A 194 6.58 -14.38 -6.96
CA ASP A 194 6.68 -15.06 -8.26
C ASP A 194 6.07 -16.46 -8.18
N PHE A 195 4.79 -16.54 -8.54
CA PHE A 195 4.02 -17.79 -8.50
C PHE A 195 4.46 -18.79 -9.59
N ASN A 196 5.36 -18.39 -10.48
CA ASN A 196 5.91 -19.32 -11.46
C ASN A 196 7.05 -20.17 -10.92
N LEU A 197 7.53 -19.87 -9.71
CA LEU A 197 8.53 -20.70 -9.06
C LEU A 197 7.84 -21.80 -8.29
N PRO A 198 8.41 -23.02 -8.28
CA PRO A 198 7.71 -24.19 -7.73
C PRO A 198 7.32 -24.10 -6.22
N ASP A 199 8.08 -23.31 -5.47
CA ASP A 199 7.94 -23.21 -4.03
C ASP A 199 7.33 -21.87 -3.59
N ASN A 200 6.56 -21.23 -4.46
CA ASN A 200 6.04 -19.89 -4.17
C ASN A 200 5.23 -19.81 -2.87
N ASP A 201 4.33 -20.77 -2.68
CA ASP A 201 3.38 -20.65 -1.58
C ASP A 201 4.08 -20.69 -0.24
N GLU A 202 5.18 -21.43 -0.15
CA GLU A 202 5.93 -21.58 1.11
C GLU A 202 7.17 -20.67 1.23
N ASN A 203 7.78 -20.33 0.09
CA ASN A 203 9.01 -19.53 0.07
C ASN A 203 8.90 -18.42 -0.98
N PRO A 204 7.98 -17.47 -0.77
CA PRO A 204 7.70 -16.51 -1.82
C PRO A 204 8.83 -15.50 -2.05
N LEU A 205 9.12 -15.22 -3.32
CA LEU A 205 10.11 -14.21 -3.70
C LEU A 205 9.39 -13.13 -4.49
N VAL A 206 9.54 -11.87 -4.06
CA VAL A 206 8.94 -10.77 -4.80
C VAL A 206 9.67 -10.59 -6.13
N ARG A 207 8.92 -10.44 -7.21
CA ARG A 207 9.46 -10.03 -8.49
C ARG A 207 9.49 -8.52 -8.55
N ILE A 208 10.70 -7.96 -8.56
CA ILE A 208 10.88 -6.53 -8.42
C ILE A 208 10.22 -5.73 -9.53
N ASP A 209 10.30 -6.22 -10.76
CA ASP A 209 9.68 -5.49 -11.87
C ASP A 209 8.15 -5.40 -11.73
N TRP A 210 7.53 -6.46 -11.22
CA TRP A 210 6.09 -6.44 -10.96
C TRP A 210 5.77 -5.43 -9.88
N TRP A 211 6.53 -5.44 -8.79
CA TRP A 211 6.37 -4.46 -7.71
C TRP A 211 6.48 -3.03 -8.21
N LYS A 212 7.53 -2.77 -8.97
CA LYS A 212 7.78 -1.44 -9.47
C LYS A 212 6.68 -0.97 -10.42
N TYR A 213 6.18 -1.87 -11.27
CA TYR A 213 5.10 -1.51 -12.19
C TYR A 213 3.83 -1.14 -11.40
N TRP A 214 3.44 -2.02 -10.48
CA TRP A 214 2.26 -1.79 -9.64
C TRP A 214 2.33 -0.43 -8.96
N PHE A 215 3.43 -0.17 -8.24
CA PHE A 215 3.53 1.06 -7.46
C PHE A 215 3.66 2.31 -8.35
N THR A 216 4.47 2.27 -9.38
CA THR A 216 4.71 3.45 -10.19
C THR A 216 3.51 3.78 -11.05
N ASN A 217 2.89 2.74 -11.61
CA ASN A 217 1.82 2.93 -12.56
C ASN A 217 0.42 2.91 -11.96
N GLU A 218 0.27 2.36 -10.75
CA GLU A 218 -1.07 2.19 -10.14
C GLU A 218 -2.00 1.53 -11.15
N SER A 219 -1.48 0.44 -11.72
CA SER A 219 -2.20 -0.46 -12.59
C SER A 219 -1.48 -1.82 -12.50
N PHE A 220 -1.97 -2.84 -13.21
CA PHE A 220 -1.53 -4.20 -12.97
C PHE A 220 -0.53 -4.67 -14.03
N PRO A 221 0.55 -5.35 -13.59
CA PRO A 221 1.64 -5.72 -14.52
C PRO A 221 1.40 -6.94 -15.41
N TYR A 222 0.20 -7.02 -16.01
CA TYR A 222 -0.08 -8.08 -16.97
C TYR A 222 0.95 -8.18 -18.08
N HIS A 223 1.48 -7.06 -18.56
CA HIS A 223 2.42 -7.10 -19.69
C HIS A 223 3.71 -7.83 -19.33
N LEU A 224 4.01 -7.93 -18.04
CA LEU A 224 5.20 -8.61 -17.51
C LEU A 224 4.90 -10.03 -17.06
N GLY A 225 3.72 -10.54 -17.40
CA GLY A 225 3.36 -11.91 -17.07
C GLY A 225 2.65 -12.09 -15.74
N TRP A 226 2.35 -11.01 -15.03
CA TRP A 226 1.59 -11.12 -13.81
C TRP A 226 0.13 -11.52 -14.11
N HIS A 227 -0.49 -12.16 -13.14
CA HIS A 227 -1.94 -12.30 -13.11
C HIS A 227 -2.37 -12.40 -11.66
N PRO A 228 -3.67 -12.21 -11.39
CA PRO A 228 -4.13 -12.37 -10.02
C PRO A 228 -3.79 -13.73 -9.46
N PRO A 229 -3.30 -13.80 -8.21
CA PRO A 229 -3.06 -15.13 -7.62
C PRO A 229 -4.31 -16.00 -7.67
N SER A 230 -4.11 -17.27 -7.99
CA SER A 230 -5.19 -18.25 -8.05
C SER A 230 -4.70 -19.56 -7.41
N PRO A 231 -5.37 -20.03 -6.34
CA PRO A 231 -6.52 -19.41 -5.69
C PRO A 231 -6.17 -18.08 -5.01
N ALA A 232 -7.20 -17.32 -4.70
CA ALA A 232 -6.97 -16.04 -4.05
C ALA A 232 -6.20 -16.21 -2.74
N ARG A 233 -5.31 -15.27 -2.47
CA ARG A 233 -4.54 -15.28 -1.24
C ARG A 233 -5.44 -15.05 -0.02
N GLU A 234 -5.11 -15.69 1.09
CA GLU A 234 -5.83 -15.56 2.36
C GLU A 234 -4.98 -14.92 3.45
N ILE A 235 -5.62 -14.50 4.53
CA ILE A 235 -4.94 -13.75 5.58
C ILE A 235 -3.77 -14.53 6.21
N GLU A 236 -3.88 -15.85 6.32
CA GLU A 236 -2.78 -16.60 6.94
C GLU A 236 -1.46 -16.39 6.19
N PHE A 237 -1.51 -16.37 4.87
CA PHE A 237 -0.30 -16.14 4.08
C PHE A 237 0.30 -14.79 4.44
N VAL A 238 -0.55 -13.78 4.48
CA VAL A 238 -0.11 -12.41 4.74
C VAL A 238 0.53 -12.26 6.11
N THR A 239 -0.10 -12.76 7.17
CA THR A 239 0.47 -12.58 8.49
C THR A 239 1.67 -13.50 8.69
N SER A 240 1.70 -14.66 8.05
CA SER A 240 2.88 -15.52 8.11
C SER A 240 4.08 -14.81 7.46
N ALA A 241 3.84 -14.20 6.31
CA ALA A 241 4.88 -13.40 5.64
C ALA A 241 5.35 -12.24 6.51
N SER A 242 4.42 -11.51 7.11
CA SER A 242 4.74 -10.43 8.03
C SER A 242 5.65 -10.91 9.17
N SER A 243 5.26 -12.02 9.82
N SER A 243 5.29 -12.02 9.80
CA SER A 243 6.10 -12.67 10.85
CA SER A 243 6.12 -12.57 10.86
C SER A 243 7.49 -12.97 10.32
C SER A 243 7.50 -13.01 10.34
N ALA A 244 7.55 -13.60 9.15
CA ALA A 244 8.81 -14.07 8.60
C ALA A 244 9.76 -12.92 8.25
N VAL A 245 9.22 -11.81 7.75
CA VAL A 245 10.03 -10.62 7.51
C VAL A 245 10.71 -10.15 8.80
N LEU A 246 9.93 -10.00 9.86
CA LEU A 246 10.47 -9.45 11.12
C LEU A 246 11.37 -10.44 11.87
N ALA A 247 11.23 -11.73 11.57
CA ALA A 247 12.07 -12.76 12.20
C ALA A 247 13.38 -12.95 11.49
N ALA A 248 13.52 -12.43 10.28
CA ALA A 248 14.70 -12.68 9.46
C ALA A 248 15.91 -12.00 10.09
N SER A 249 17.06 -12.65 10.03
CA SER A 249 18.24 -12.06 10.67
C SER A 249 18.75 -10.83 9.92
N VAL A 250 19.07 -9.78 10.67
CA VAL A 250 19.56 -8.53 10.09
C VAL A 250 21.08 -8.60 9.95
N THR A 251 21.58 -8.53 8.72
CA THR A 251 23.02 -8.55 8.42
C THR A 251 23.61 -7.17 8.09
N SER A 252 22.77 -6.17 7.94
CA SER A 252 23.22 -4.81 7.75
C SER A 252 22.30 -3.89 8.53
N THR A 253 22.85 -3.19 9.52
CA THR A 253 22.06 -2.38 10.44
C THR A 253 22.28 -0.90 10.13
N PRO A 254 21.21 -0.19 9.69
CA PRO A 254 21.36 1.25 9.55
C PRO A 254 21.41 1.92 10.91
N SER A 255 21.99 3.10 10.94
CA SER A 255 22.01 3.90 12.15
C SER A 255 20.67 4.62 12.25
N SER A 256 20.38 5.17 13.42
CA SER A 256 19.18 5.96 13.69
C SER A 256 17.87 5.17 13.72
N LEU A 257 17.93 3.88 14.02
CA LEU A 257 16.70 3.10 14.20
C LEU A 257 16.04 3.42 15.53
N PRO A 258 14.70 3.44 15.56
CA PRO A 258 14.01 3.60 16.84
C PRO A 258 14.18 2.37 17.71
N SER A 259 13.89 2.52 19.00
CA SER A 259 14.04 1.44 19.97
C SER A 259 13.19 0.22 19.58
N GLY A 260 13.82 -0.96 19.61
CA GLY A 260 13.13 -2.22 19.34
C GLY A 260 12.86 -2.52 17.87
N ALA A 261 13.43 -1.74 16.96
CA ALA A 261 13.15 -1.91 15.52
C ALA A 261 13.44 -3.33 15.07
N ILE A 262 14.60 -3.85 15.46
CA ILE A 262 14.99 -5.21 15.14
C ILE A 262 14.34 -6.16 16.14
N GLY A 263 13.49 -7.05 15.64
CA GLY A 263 12.74 -7.96 16.48
C GLY A 263 11.32 -8.14 16.00
N PRO A 264 10.59 -9.04 16.66
CA PRO A 264 9.20 -9.29 16.30
C PRO A 264 8.33 -8.06 16.49
N GLY A 265 7.17 -8.09 15.82
CA GLY A 265 6.23 -6.99 15.87
C GLY A 265 4.92 -7.41 16.47
N ALA A 266 4.23 -6.46 17.10
CA ALA A 266 2.90 -6.69 17.66
C ALA A 266 1.91 -7.03 16.53
N GLU A 267 0.88 -7.79 16.86
CA GLU A 267 -0.22 -8.02 15.93
C GLU A 267 -0.93 -6.70 15.64
N ALA A 268 -1.28 -6.47 14.36
CA ALA A 268 -2.10 -5.33 13.99
C ALA A 268 -3.50 -5.52 14.56
N VAL A 269 -4.06 -4.42 15.06
CA VAL A 269 -5.34 -4.45 15.78
C VAL A 269 -6.23 -3.29 15.32
N PRO A 270 -7.52 -3.31 15.67
CA PRO A 270 -8.35 -2.16 15.35
C PRO A 270 -7.84 -0.84 15.94
N LEU A 271 -7.92 0.21 15.15
CA LEU A 271 -7.56 1.55 15.56
C LEU A 271 -8.69 2.16 16.38
N SER A 272 -8.34 3.15 17.19
CA SER A 272 -9.34 3.91 17.95
C SER A 272 -8.82 5.30 18.22
N PHE A 273 -9.70 6.29 18.14
CA PHE A 273 -9.33 7.70 18.37
C PHE A 273 -10.28 8.32 19.39
N ALA A 274 -9.71 9.04 20.34
CA ALA A 274 -10.50 9.77 21.34
C ALA A 274 -11.40 10.80 20.68
N SER A 275 -12.66 10.86 21.12
CA SER A 275 -13.66 11.75 20.50
C SER A 275 -13.28 13.23 20.57
N THR A 276 -12.42 13.59 21.53
CA THR A 276 -11.96 14.98 21.68
C THR A 276 -10.72 15.31 20.83
N MET A 277 -10.16 14.31 20.16
CA MET A 277 -9.01 14.54 19.29
C MET A 277 -9.49 15.03 17.94
N THR A 278 -8.98 16.18 17.51
CA THR A 278 -9.30 16.71 16.19
C THR A 278 -8.30 16.09 15.21
N PRO A 279 -8.78 15.75 14.00
CA PRO A 279 -7.87 15.16 13.02
C PRO A 279 -6.87 16.17 12.47
N PHE A 280 -5.69 15.69 12.12
CA PHE A 280 -4.76 16.47 11.33
C PHE A 280 -5.32 16.79 9.95
N LEU A 281 -5.05 17.99 9.46
CA LEU A 281 -5.43 18.39 8.12
C LEU A 281 -4.84 17.44 7.08
N LEU A 282 -5.66 17.06 6.12
CA LEU A 282 -5.22 16.21 5.01
C LEU A 282 -4.49 17.03 3.96
N ALA A 283 -3.41 16.46 3.41
CA ALA A 283 -2.79 17.05 2.23
C ALA A 283 -3.81 17.14 1.09
N THR A 284 -3.81 18.25 0.34
CA THR A 284 -4.82 18.54 -0.67
C THR A 284 -4.37 18.33 -2.11
N ASN A 285 -3.18 17.77 -2.30
CA ASN A 285 -2.62 17.62 -3.63
C ASN A 285 -3.53 16.81 -4.55
N ALA A 286 -3.56 17.18 -5.84
CA ALA A 286 -4.27 16.40 -6.86
C ALA A 286 -3.72 14.96 -6.89
N PRO A 287 -4.52 14.01 -7.35
CA PRO A 287 -4.03 12.63 -7.40
C PRO A 287 -2.89 12.45 -8.40
N TYR A 288 -1.90 11.68 -7.99
CA TYR A 288 -0.81 11.29 -8.84
C TYR A 288 -1.31 10.35 -9.95
N TYR A 289 -0.72 10.50 -11.13
CA TYR A 289 -0.84 9.49 -12.15
C TYR A 289 0.45 9.44 -12.96
N ALA A 290 0.75 8.27 -13.50
CA ALA A 290 2.01 8.06 -14.20
C ALA A 290 2.07 8.87 -15.46
N GLN A 291 3.18 9.55 -15.66
CA GLN A 291 3.35 10.45 -16.80
C GLN A 291 4.65 10.22 -17.58
N ASP A 292 5.44 9.23 -17.19
CA ASP A 292 6.78 9.02 -17.78
C ASP A 292 7.00 7.54 -18.06
N PRO A 293 6.19 6.93 -18.96
CA PRO A 293 5.11 7.48 -19.78
C PRO A 293 3.72 7.46 -19.16
N THR A 294 2.78 8.19 -19.76
CA THR A 294 1.36 7.98 -19.46
C THR A 294 0.92 6.60 -19.93
N LEU A 295 -0.16 6.11 -19.34
CA LEU A 295 -0.64 4.77 -19.61
C LEU A 295 -1.85 4.78 -20.53
N GLY A 296 -1.93 3.77 -21.38
CA GLY A 296 -3.10 3.52 -22.19
C GLY A 296 -4.11 2.63 -21.48
N PRO A 297 -5.26 2.42 -22.10
CA PRO A 297 -6.33 1.65 -21.48
C PRO A 297 -5.97 0.21 -21.11
N ASN A 298 -5.04 -0.39 -21.84
CA ASN A 298 -4.65 -1.78 -21.60
C ASN A 298 -3.40 -1.92 -20.72
N ASP A 299 -2.92 -0.82 -20.14
CA ASP A 299 -1.69 -0.83 -19.33
C ASP A 299 -1.93 -0.85 -17.82
#